data_7NXY
#
_entry.id   7NXY
#
_cell.length_a   82.572
_cell.length_b   113.018
_cell.length_c   62.661
_cell.angle_alpha   90.000
_cell.angle_beta   90.000
_cell.angle_gamma   90.000
#
_symmetry.space_group_name_H-M   'C 2 2 21'
#
loop_
_entity.id
_entity.type
_entity.pdbx_description
1 polymer '14-3-3 protein sigma'
2 polymer 'Transcription factor p65'
3 non-polymer 4-[(6-fluoranyl-3,4-dihydro-2~{H}-quinolin-1-yl)sulfonyl]benzaldehyde
4 non-polymer 'CHLORIDE ION'
5 non-polymer 'MAGNESIUM ION'
6 non-polymer DI(HYDROXYETHYL)ETHER
7 water water
#
loop_
_entity_poly.entity_id
_entity_poly.type
_entity_poly.pdbx_seq_one_letter_code
_entity_poly.pdbx_strand_id
1 'polypeptide(L)'
;GAMGSMERASLIQKAKLAEQAERYEDMAAFMKGAVEKGEELS(CSO)EERNLLSVAYKNVVGGQRAAWRVLSSIEQKSNE
EGSEEKGPEVREYREKVETELQGVCDTVLGLLDSHLIKEAGDAESRVFYLKMKGDYYRYLAEVATGDDKKRIIDSARSAY
QEAMDISKKEMPPTNPIRLGLALNFSVFHYEIANSPEEAISLAKTTFDEAMADLHTLSEDSYKDSTLIMQLLRDNLTLWT
;
A
2 'polypeptide(L)' EGRSAG(SEP)IPGRRS P
#
loop_
_chem_comp.id
_chem_comp.type
_chem_comp.name
_chem_comp.formula
CL non-polymer 'CHLORIDE ION' 'Cl -1'
MG non-polymer 'MAGNESIUM ION' 'Mg 2'
PEG non-polymer DI(HYDROXYETHYL)ETHER 'C4 H10 O3'
UVQ non-polymer 4-[(6-fluoranyl-3,4-dihydro-2~{H}-quinolin-1-yl)sulfonyl]benzaldehyde 'C16 H14 F N O3 S'
#
# COMPACT_ATOMS: atom_id res chain seq x y z
N MET A 3 -10.14 21.50 -2.00
CA MET A 3 -11.29 21.09 -1.19
C MET A 3 -11.33 21.94 0.06
N GLY A 4 -10.59 23.04 0.04
CA GLY A 4 -10.42 23.81 1.25
C GLY A 4 -11.69 24.43 1.78
N SER A 5 -12.68 24.66 0.93
CA SER A 5 -13.92 25.27 1.39
C SER A 5 -14.94 24.25 1.88
N MET A 6 -14.70 22.94 1.76
CA MET A 6 -15.68 21.96 2.20
C MET A 6 -15.37 21.46 3.60
N GLU A 7 -16.40 21.28 4.42
CA GLU A 7 -16.24 20.75 5.78
C GLU A 7 -15.55 19.40 5.78
N ARG A 8 -14.70 19.16 6.80
CA ARG A 8 -14.08 17.84 6.97
C ARG A 8 -15.13 16.72 6.94
N ALA A 9 -16.23 16.87 7.69
CA ALA A 9 -17.18 15.79 7.80
C ALA A 9 -17.86 15.52 6.45
N SER A 10 -18.08 16.59 5.66
CA SER A 10 -18.67 16.43 4.32
C SER A 10 -17.71 15.72 3.37
N LEU A 11 -16.41 16.01 3.48
CA LEU A 11 -15.43 15.30 2.65
C LEU A 11 -15.42 13.81 2.96
N ILE A 12 -15.46 13.45 4.26
CA ILE A 12 -15.50 12.04 4.65
C ILE A 12 -16.76 11.38 4.13
N GLN A 13 -17.91 12.04 4.31
CA GLN A 13 -19.18 11.50 3.78
C GLN A 13 -19.11 11.28 2.28
N LYS A 14 -18.57 12.25 1.56
CA LYS A 14 -18.51 12.11 0.11
C LYS A 14 -17.48 11.07 -0.32
N ALA A 15 -16.39 10.88 0.44
CA ALA A 15 -15.48 9.77 0.12
C ALA A 15 -16.21 8.43 0.22
N LYS A 16 -17.07 8.25 1.22
CA LYS A 16 -17.80 7.00 1.35
C LYS A 16 -18.78 6.80 0.19
N LEU A 17 -19.45 7.90 -0.20
CA LEU A 17 -20.35 7.84 -1.38
C LEU A 17 -19.57 7.52 -2.66
N ALA A 18 -18.41 8.13 -2.82
CA ALA A 18 -17.59 7.90 -4.00
C ALA A 18 -17.18 6.44 -4.08
N GLU A 19 -16.82 5.82 -2.94
CA GLU A 19 -16.50 4.39 -2.98
C GLU A 19 -17.70 3.57 -3.46
N GLN A 20 -18.89 3.86 -2.93
CA GLN A 20 -20.09 3.13 -3.35
C GLN A 20 -20.36 3.27 -4.84
N ALA A 21 -20.07 4.44 -5.40
CA ALA A 21 -20.27 4.73 -6.81
C ALA A 21 -19.08 4.31 -7.67
N GLU A 22 -18.05 3.72 -7.06
CA GLU A 22 -16.84 3.28 -7.76
C GLU A 22 -16.14 4.43 -8.49
N ARG A 23 -16.12 5.60 -7.84
CA ARG A 23 -15.49 6.81 -8.34
C ARG A 23 -14.24 7.05 -7.48
N TYR A 24 -13.20 6.26 -7.75
CA TYR A 24 -12.07 6.27 -6.84
C TYR A 24 -11.17 7.50 -6.98
N GLU A 25 -11.10 8.12 -8.16
N GLU A 25 -11.11 8.13 -8.15
CA GLU A 25 -10.39 9.39 -8.27
CA GLU A 25 -10.38 9.39 -8.26
C GLU A 25 -11.04 10.46 -7.41
C GLU A 25 -11.04 10.45 -7.40
N ASP A 26 -12.37 10.54 -7.47
CA ASP A 26 -13.08 11.46 -6.56
C ASP A 26 -12.80 11.11 -5.11
N MET A 27 -12.88 9.82 -4.79
CA MET A 27 -12.65 9.38 -3.41
C MET A 27 -11.30 9.84 -2.90
N ALA A 28 -10.27 9.70 -3.73
CA ALA A 28 -8.93 10.11 -3.32
C ALA A 28 -8.85 11.63 -3.15
N ALA A 29 -9.51 12.39 -4.05
CA ALA A 29 -9.50 13.84 -3.88
C ALA A 29 -10.21 14.28 -2.60
N PHE A 30 -11.34 13.64 -2.26
CA PHE A 30 -12.02 13.95 -1.02
C PHE A 30 -11.13 13.61 0.20
N MET A 31 -10.46 12.45 0.17
CA MET A 31 -9.61 12.09 1.29
C MET A 31 -8.37 12.97 1.40
N LYS A 32 -7.78 13.38 0.28
CA LYS A 32 -6.69 14.35 0.33
C LYS A 32 -7.16 15.64 1.01
N GLY A 33 -8.36 16.13 0.62
CA GLY A 33 -8.91 17.30 1.28
C GLY A 33 -9.10 17.09 2.78
N ALA A 34 -9.58 15.90 3.18
CA ALA A 34 -9.76 15.61 4.61
C ALA A 34 -8.40 15.64 5.33
N VAL A 35 -7.38 14.98 4.78
CA VAL A 35 -6.08 15.00 5.44
C VAL A 35 -5.58 16.43 5.59
N GLU A 36 -5.76 17.24 4.56
CA GLU A 36 -5.25 18.60 4.58
C GLU A 36 -5.97 19.49 5.58
N LYS A 37 -7.07 19.04 6.20
CA LYS A 37 -7.64 19.80 7.31
C LYS A 37 -6.68 19.84 8.48
N GLY A 38 -5.72 18.91 8.57
CA GLY A 38 -4.69 19.00 9.59
C GLY A 38 -4.94 18.15 10.82
N GLU A 39 -6.11 17.57 11.00
N GLU A 39 -6.12 17.58 10.99
CA GLU A 39 -6.40 16.73 12.15
CA GLU A 39 -6.44 16.73 12.13
C GLU A 39 -5.95 15.30 11.83
C GLU A 39 -5.99 15.29 11.83
N GLU A 40 -5.66 14.55 12.89
CA GLU A 40 -5.37 13.13 12.76
C GLU A 40 -6.59 12.38 12.20
N LEU A 41 -6.36 11.19 11.62
CA LEU A 41 -7.42 10.36 11.05
C LEU A 41 -7.74 9.21 12.00
N SER A 42 -9.02 8.88 12.12
CA SER A 42 -9.44 7.67 12.84
C SER A 42 -9.11 6.38 12.02
N CSO A 43 -9.31 5.17 12.59
N CSO A 43 -9.30 5.23 12.65
CA CSO A 43 -9.05 3.91 11.83
CA CSO A 43 -9.09 4.00 11.99
CB CSO A 43 -9.33 2.64 12.69
CB CSO A 43 -9.51 2.91 12.99
SG CSO A 43 -9.36 1.04 11.75
SG CSO A 43 -9.22 1.28 12.34
C CSO A 43 -9.91 3.85 10.57
C CSO A 43 -9.88 3.92 10.65
O CSO A 43 -9.45 3.45 9.50
O CSO A 43 -9.36 3.58 9.60
OD CSO A 43 -7.67 0.64 11.27
OD CSO A 43 -10.68 0.78 11.36
N GLU A 44 -11.18 4.20 10.71
CA GLU A 44 -12.04 4.13 9.53
C GLU A 44 -11.57 5.12 8.45
N GLU A 45 -11.14 6.31 8.87
CA GLU A 45 -10.70 7.31 7.90
C GLU A 45 -9.38 6.91 7.26
N ARG A 46 -8.47 6.28 8.00
CA ARG A 46 -7.23 5.77 7.41
C ARG A 46 -7.53 4.74 6.35
N ASN A 47 -8.51 3.87 6.60
CA ASN A 47 -8.89 2.90 5.58
C ASN A 47 -9.48 3.57 4.36
N LEU A 48 -10.29 4.64 4.52
CA LEU A 48 -10.80 5.33 3.34
C LEU A 48 -9.66 5.92 2.51
N LEU A 49 -8.67 6.50 3.17
CA LEU A 49 -7.52 7.08 2.44
C LEU A 49 -6.78 6.01 1.67
N SER A 50 -6.50 4.87 2.33
CA SER A 50 -5.78 3.81 1.67
C SER A 50 -6.57 3.20 0.53
N VAL A 51 -7.86 2.93 0.74
CA VAL A 51 -8.65 2.32 -0.34
C VAL A 51 -8.63 3.21 -1.59
N ALA A 52 -8.80 4.52 -1.40
CA ALA A 52 -8.92 5.45 -2.51
C ALA A 52 -7.65 5.41 -3.35
N TYR A 53 -6.50 5.65 -2.72
CA TYR A 53 -5.27 5.73 -3.48
C TYR A 53 -4.81 4.37 -3.99
N LYS A 54 -5.09 3.30 -3.24
CA LYS A 54 -4.67 1.99 -3.72
C LYS A 54 -5.40 1.65 -4.99
N ASN A 55 -6.67 2.06 -5.12
N ASN A 55 -6.69 2.00 -5.08
CA ASN A 55 -7.42 1.77 -6.32
CA ASN A 55 -7.43 1.78 -6.32
C ASN A 55 -6.92 2.65 -7.47
C ASN A 55 -6.92 2.65 -7.46
N VAL A 56 -6.70 3.95 -7.23
CA VAL A 56 -6.22 4.83 -8.30
C VAL A 56 -4.88 4.31 -8.83
N VAL A 57 -3.91 4.10 -7.94
N VAL A 57 -3.90 4.12 -7.94
CA VAL A 57 -2.59 3.69 -8.40
CA VAL A 57 -2.58 3.70 -8.42
C VAL A 57 -2.63 2.28 -8.95
C VAL A 57 -2.64 2.27 -8.97
N GLY A 58 -3.51 1.41 -8.43
CA GLY A 58 -3.63 0.07 -8.98
C GLY A 58 -4.06 0.08 -10.45
N GLY A 59 -5.00 0.95 -10.81
CA GLY A 59 -5.38 1.07 -12.21
C GLY A 59 -4.23 1.61 -13.06
N GLN A 60 -3.49 2.57 -12.54
CA GLN A 60 -2.34 3.09 -13.27
C GLN A 60 -1.28 2.02 -13.50
N ARG A 61 -0.96 1.24 -12.46
CA ARG A 61 -0.01 0.15 -12.56
C ARG A 61 -0.46 -0.86 -13.61
N ALA A 62 -1.72 -1.21 -13.60
CA ALA A 62 -2.19 -2.18 -14.60
C ALA A 62 -2.01 -1.63 -16.01
N ALA A 63 -2.30 -0.35 -16.21
CA ALA A 63 -2.18 0.24 -17.55
C ALA A 63 -0.71 0.34 -17.94
N TRP A 64 0.17 0.70 -16.99
CA TRP A 64 1.61 0.79 -17.26
C TRP A 64 2.15 -0.58 -17.67
N ARG A 65 1.68 -1.65 -17.03
N ARG A 65 1.65 -1.65 -17.04
CA ARG A 65 2.18 -2.97 -17.39
CA ARG A 65 2.14 -2.99 -17.36
C ARG A 65 1.72 -3.37 -18.78
C ARG A 65 1.70 -3.40 -18.77
N VAL A 66 0.47 -3.05 -19.16
CA VAL A 66 0.01 -3.34 -20.53
C VAL A 66 0.90 -2.61 -21.53
N LEU A 67 1.13 -1.31 -21.30
CA LEU A 67 1.90 -0.49 -22.23
C LEU A 67 3.35 -0.93 -22.28
N SER A 68 3.94 -1.26 -21.11
N SER A 68 3.96 -1.24 -21.13
CA SER A 68 5.34 -1.70 -21.04
CA SER A 68 5.35 -1.69 -21.12
C SER A 68 5.54 -2.99 -21.82
C SER A 68 5.52 -2.99 -21.90
N SER A 69 4.55 -3.90 -21.77
CA SER A 69 4.64 -5.15 -22.50
C SER A 69 4.62 -4.89 -24.00
N ILE A 70 3.73 -4.00 -24.46
CA ILE A 70 3.67 -3.66 -25.88
C ILE A 70 4.97 -3.02 -26.32
N GLU A 71 5.51 -2.11 -25.50
CA GLU A 71 6.74 -1.42 -25.83
C GLU A 71 7.90 -2.41 -25.96
N GLN A 72 7.95 -3.40 -25.07
CA GLN A 72 9.04 -4.39 -25.10
C GLN A 72 8.92 -5.30 -26.32
N LYS A 73 7.71 -5.70 -26.69
CA LYS A 73 7.52 -6.45 -27.92
C LYS A 73 7.92 -5.61 -29.15
N SER A 74 7.62 -4.32 -29.15
CA SER A 74 8.01 -3.45 -30.25
C SER A 74 9.52 -3.28 -30.37
N ASN A 75 10.28 -3.54 -29.30
CA ASN A 75 11.73 -3.36 -29.30
C ASN A 75 12.46 -4.70 -29.39
N GLY A 83 7.31 3.77 -34.47
CA GLY A 83 7.36 5.17 -34.09
C GLY A 83 7.45 5.37 -32.59
N PRO A 84 7.47 6.64 -32.17
CA PRO A 84 7.64 6.94 -30.74
C PRO A 84 6.37 6.80 -29.90
N GLU A 85 5.22 6.43 -30.46
CA GLU A 85 3.95 6.61 -29.76
C GLU A 85 3.81 5.71 -28.54
N VAL A 86 4.20 4.45 -28.64
CA VAL A 86 4.06 3.53 -27.50
C VAL A 86 4.90 4.01 -26.32
N ARG A 87 6.16 4.35 -26.59
CA ARG A 87 7.03 4.88 -25.55
C ARG A 87 6.45 6.18 -24.97
N GLU A 88 6.01 7.11 -25.83
CA GLU A 88 5.46 8.36 -25.36
C GLU A 88 4.27 8.12 -24.44
N TYR A 89 3.39 7.21 -24.83
CA TYR A 89 2.19 7.02 -24.04
C TYR A 89 2.50 6.28 -22.73
N ARG A 90 3.38 5.27 -22.78
CA ARG A 90 3.85 4.65 -21.53
C ARG A 90 4.47 5.68 -20.61
N GLU A 91 5.27 6.61 -21.13
CA GLU A 91 5.86 7.68 -20.32
C GLU A 91 4.80 8.58 -19.72
N LYS A 92 3.74 8.88 -20.47
CA LYS A 92 2.67 9.72 -19.94
C LYS A 92 2.01 9.04 -18.74
N VAL A 93 1.66 7.77 -18.90
CA VAL A 93 1.03 7.01 -17.81
C VAL A 93 1.99 6.91 -16.62
N GLU A 94 3.26 6.66 -16.88
CA GLU A 94 4.27 6.58 -15.82
C GLU A 94 4.37 7.88 -15.04
N THR A 95 4.37 9.03 -15.73
CA THR A 95 4.47 10.31 -15.05
C THR A 95 3.25 10.55 -14.18
N GLU A 96 2.07 10.15 -14.65
N GLU A 96 2.08 10.18 -14.67
CA GLU A 96 0.85 10.33 -13.86
CA GLU A 96 0.86 10.33 -13.88
C GLU A 96 0.87 9.44 -12.62
C GLU A 96 0.95 9.47 -12.62
N LEU A 97 1.34 8.20 -12.79
CA LEU A 97 1.53 7.29 -11.64
C LEU A 97 2.51 7.86 -10.61
N GLN A 98 3.64 8.35 -11.09
CA GLN A 98 4.61 8.93 -10.18
C GLN A 98 4.01 10.13 -9.44
N GLY A 99 3.20 10.92 -10.13
CA GLY A 99 2.59 12.06 -9.47
C GLY A 99 1.63 11.69 -8.36
N VAL A 100 0.86 10.63 -8.55
CA VAL A 100 -0.04 10.17 -7.50
C VAL A 100 0.77 9.62 -6.32
N CYS A 101 1.81 8.80 -6.59
CA CYS A 101 2.66 8.33 -5.50
C CYS A 101 3.29 9.49 -4.74
N ASP A 102 3.79 10.51 -5.44
CA ASP A 102 4.37 11.67 -4.76
C ASP A 102 3.33 12.39 -3.92
N THR A 103 2.09 12.44 -4.38
CA THR A 103 1.04 13.11 -3.60
C THR A 103 0.79 12.34 -2.29
N VAL A 104 0.65 11.01 -2.38
CA VAL A 104 0.43 10.20 -1.16
C VAL A 104 1.61 10.35 -0.21
N LEU A 105 2.84 10.20 -0.73
CA LEU A 105 4.00 10.34 0.11
C LEU A 105 4.05 11.73 0.75
N GLY A 106 3.60 12.76 0.03
CA GLY A 106 3.60 14.10 0.61
C GLY A 106 2.59 14.22 1.76
N LEU A 107 1.44 13.58 1.64
CA LEU A 107 0.47 13.59 2.74
C LEU A 107 1.04 12.88 3.97
N LEU A 108 1.74 11.75 3.73
CA LEU A 108 2.31 11.02 4.84
C LEU A 108 3.39 11.84 5.52
N ASP A 109 4.19 12.59 4.75
CA ASP A 109 5.26 13.40 5.31
C ASP A 109 4.77 14.73 5.87
N SER A 110 3.55 15.17 5.54
CA SER A 110 3.05 16.50 5.92
C SER A 110 1.56 16.37 6.24
N HIS A 111 1.20 15.87 7.42
CA HIS A 111 2.07 15.53 8.55
C HIS A 111 1.60 14.28 9.25
N LEU A 112 1.08 13.31 8.48
CA LEU A 112 0.42 12.16 9.11
C LEU A 112 1.37 11.33 9.97
N ILE A 113 2.56 10.98 9.45
CA ILE A 113 3.46 10.13 10.21
C ILE A 113 3.92 10.81 11.49
N LYS A 114 4.35 12.07 11.38
CA LYS A 114 4.93 12.69 12.57
C LYS A 114 3.91 12.87 13.68
N GLU A 115 2.62 12.99 13.37
CA GLU A 115 1.63 13.12 14.43
C GLU A 115 1.09 11.78 14.90
N ALA A 116 1.49 10.65 14.28
CA ALA A 116 0.98 9.33 14.65
C ALA A 116 1.84 8.71 15.77
N GLY A 117 1.27 8.60 16.95
CA GLY A 117 1.97 8.07 18.12
C GLY A 117 1.54 6.67 18.49
N ASP A 118 0.28 6.34 18.22
CA ASP A 118 -0.15 5.01 18.60
C ASP A 118 0.40 4.03 17.58
N ALA A 119 0.67 2.81 18.04
CA ALA A 119 1.30 1.83 17.17
C ALA A 119 0.43 1.56 15.96
N GLU A 120 -0.89 1.47 16.12
CA GLU A 120 -1.75 1.12 14.99
C GLU A 120 -1.71 2.20 13.90
N SER A 121 -1.75 3.47 14.28
CA SER A 121 -1.69 4.51 13.26
C SER A 121 -0.31 4.60 12.63
N ARG A 122 0.76 4.57 13.43
CA ARG A 122 2.10 4.78 12.90
C ARG A 122 2.49 3.63 11.99
N VAL A 123 2.20 2.38 12.38
CA VAL A 123 2.48 1.23 11.51
C VAL A 123 1.68 1.35 10.21
N PHE A 124 0.38 1.72 10.29
CA PHE A 124 -0.44 1.86 9.10
C PHE A 124 0.23 2.82 8.10
N TYR A 125 0.65 4.01 8.58
CA TYR A 125 1.20 5.01 7.69
C TYR A 125 2.55 4.62 7.15
N LEU A 126 3.40 3.98 7.96
CA LEU A 126 4.71 3.55 7.46
C LEU A 126 4.58 2.41 6.46
N LYS A 127 3.61 1.51 6.64
CA LYS A 127 3.29 0.52 5.60
C LYS A 127 2.88 1.21 4.30
N MET A 128 2.02 2.23 4.37
CA MET A 128 1.66 2.97 3.16
C MET A 128 2.91 3.59 2.53
N LYS A 129 3.79 4.18 3.35
CA LYS A 129 4.99 4.79 2.80
C LYS A 129 5.83 3.76 2.05
N GLY A 130 6.01 2.57 2.64
CA GLY A 130 6.72 1.51 1.94
C GLY A 130 6.04 1.13 0.63
N ASP A 131 4.71 1.03 0.64
CA ASP A 131 3.96 0.66 -0.56
C ASP A 131 4.16 1.68 -1.70
N TYR A 132 4.06 2.98 -1.39
CA TYR A 132 4.13 3.98 -2.48
C TYR A 132 5.55 4.14 -2.99
N TYR A 133 6.57 3.95 -2.15
CA TYR A 133 7.92 3.85 -2.71
C TYR A 133 8.10 2.57 -3.52
N ARG A 134 7.46 1.47 -3.12
CA ARG A 134 7.53 0.26 -3.92
C ARG A 134 6.91 0.48 -5.30
N TYR A 135 5.74 1.16 -5.37
CA TYR A 135 5.16 1.46 -6.69
C TYR A 135 6.09 2.36 -7.51
N LEU A 136 6.74 3.34 -6.90
CA LEU A 136 7.75 4.11 -7.63
C LEU A 136 8.88 3.21 -8.12
N ALA A 137 9.31 2.24 -7.31
CA ALA A 137 10.42 1.36 -7.68
C ALA A 137 10.05 0.48 -8.86
N GLU A 138 8.78 0.11 -9.00
CA GLU A 138 8.38 -0.75 -10.10
C GLU A 138 8.65 -0.11 -11.45
N VAL A 139 8.63 1.22 -11.54
CA VAL A 139 8.80 1.93 -12.81
C VAL A 139 10.13 2.65 -12.89
N ALA A 140 10.96 2.54 -11.87
CA ALA A 140 12.21 3.29 -11.83
C ALA A 140 13.31 2.59 -12.59
N THR A 141 14.16 3.41 -13.24
CA THR A 141 15.33 3.01 -14.05
C THR A 141 16.54 3.93 -13.92
N GLY A 142 16.41 5.16 -13.44
CA GLY A 142 17.48 6.16 -13.49
C GLY A 142 18.46 6.10 -12.33
N ASP A 143 19.09 7.25 -12.05
CA ASP A 143 20.15 7.31 -11.05
C ASP A 143 19.62 7.20 -9.62
N ASP A 144 18.31 7.35 -9.44
CA ASP A 144 17.71 7.29 -8.11
C ASP A 144 17.02 5.96 -7.81
N LYS A 145 17.13 4.96 -8.69
CA LYS A 145 16.36 3.73 -8.49
C LYS A 145 16.79 2.96 -7.24
N LYS A 146 18.09 2.87 -6.98
CA LYS A 146 18.55 2.27 -5.74
C LYS A 146 18.05 3.03 -4.54
N ARG A 147 18.04 4.37 -4.60
CA ARG A 147 17.59 5.16 -3.47
C ARG A 147 16.08 4.97 -3.26
N ILE A 148 15.29 4.80 -4.33
CA ILE A 148 13.85 4.58 -4.15
C ILE A 148 13.61 3.24 -3.46
N ILE A 149 14.32 2.20 -3.89
CA ILE A 149 14.26 0.89 -3.25
C ILE A 149 14.63 0.98 -1.78
N ASP A 150 15.67 1.72 -1.46
CA ASP A 150 16.05 1.79 -0.06
C ASP A 150 15.06 2.58 0.78
N SER A 151 14.40 3.59 0.18
CA SER A 151 13.35 4.30 0.90
C SER A 151 12.19 3.38 1.22
N ALA A 152 11.79 2.51 0.29
CA ALA A 152 10.73 1.55 0.61
C ALA A 152 11.16 0.63 1.74
N ARG A 153 12.36 0.06 1.62
N ARG A 153 12.36 0.06 1.62
CA ARG A 153 12.86 -0.86 2.64
CA ARG A 153 12.88 -0.84 2.63
C ARG A 153 12.89 -0.21 4.02
C ARG A 153 12.89 -0.21 4.01
N SER A 154 13.39 1.03 4.10
CA SER A 154 13.51 1.72 5.40
C SER A 154 12.14 1.92 6.05
N ALA A 155 11.13 2.33 5.26
CA ALA A 155 9.80 2.53 5.80
C ALA A 155 9.21 1.21 6.28
N TYR A 156 9.29 0.17 5.44
CA TYR A 156 8.77 -1.13 5.87
C TYR A 156 9.48 -1.63 7.12
N GLN A 157 10.81 -1.42 7.19
CA GLN A 157 11.58 -1.93 8.35
C GLN A 157 11.17 -1.23 9.64
N GLU A 158 10.99 0.10 9.60
CA GLU A 158 10.54 0.80 10.80
C GLU A 158 9.16 0.30 11.23
N ALA A 159 8.26 0.08 10.27
CA ALA A 159 6.94 -0.45 10.58
C ALA A 159 7.04 -1.83 11.21
N MET A 160 7.92 -2.68 10.68
CA MET A 160 8.09 -4.03 11.23
C MET A 160 8.61 -3.97 12.64
N ASP A 161 9.57 -3.08 12.89
CA ASP A 161 10.14 -3.02 14.25
C ASP A 161 9.06 -2.62 15.26
N ILE A 162 8.21 -1.62 14.94
CA ILE A 162 7.16 -1.22 15.85
C ILE A 162 6.17 -2.35 16.01
N SER A 163 5.77 -2.99 14.88
CA SER A 163 4.72 -4.01 14.95
C SER A 163 5.13 -5.19 15.82
N LYS A 164 6.41 -5.58 15.76
CA LYS A 164 6.82 -6.74 16.53
C LYS A 164 6.89 -6.41 18.01
N LYS A 165 7.16 -5.15 18.38
CA LYS A 165 7.19 -4.74 19.78
C LYS A 165 5.80 -4.49 20.36
N GLU A 166 4.85 -3.98 19.57
CA GLU A 166 3.61 -3.40 20.07
C GLU A 166 2.34 -4.14 19.70
N MET A 167 2.37 -5.09 18.75
CA MET A 167 1.14 -5.72 18.31
C MET A 167 1.27 -7.23 18.40
N PRO A 168 0.17 -7.95 18.63
CA PRO A 168 0.24 -9.42 18.62
C PRO A 168 0.45 -9.93 17.22
N PRO A 169 0.94 -11.17 17.08
CA PRO A 169 1.28 -11.68 15.75
C PRO A 169 0.11 -11.91 14.86
N THR A 170 -1.14 -11.87 15.36
CA THR A 170 -2.32 -11.97 14.52
C THR A 170 -2.91 -10.60 14.15
N ASN A 171 -2.34 -9.51 14.63
CA ASN A 171 -2.95 -8.20 14.32
C ASN A 171 -3.03 -8.01 12.81
N PRO A 172 -4.18 -7.66 12.25
CA PRO A 172 -4.28 -7.60 10.78
C PRO A 172 -3.36 -6.58 10.12
N ILE A 173 -3.10 -5.45 10.77
CA ILE A 173 -2.13 -4.49 10.23
C ILE A 173 -0.73 -5.10 10.20
N ARG A 174 -0.31 -5.73 11.29
CA ARG A 174 0.99 -6.42 11.32
C ARG A 174 1.07 -7.49 10.23
N LEU A 175 -0.01 -8.24 10.02
CA LEU A 175 -0.02 -9.27 8.99
C LEU A 175 0.05 -8.67 7.58
N GLY A 176 -0.75 -7.63 7.30
CA GLY A 176 -0.71 -7.05 5.98
C GLY A 176 0.61 -6.36 5.69
N LEU A 177 1.22 -5.77 6.71
CA LEU A 177 2.57 -5.22 6.55
C LEU A 177 3.56 -6.31 6.14
N ALA A 178 3.55 -7.43 6.87
CA ALA A 178 4.48 -8.51 6.54
C ALA A 178 4.22 -9.06 5.13
N LEU A 179 2.93 -9.21 4.76
CA LEU A 179 2.59 -9.63 3.40
C LEU A 179 3.23 -8.70 2.36
N ASN A 180 3.02 -7.39 2.52
CA ASN A 180 3.51 -6.44 1.52
C ASN A 180 5.04 -6.34 1.53
N PHE A 181 5.68 -6.41 2.71
CA PHE A 181 7.14 -6.39 2.75
C PHE A 181 7.71 -7.65 2.11
N SER A 182 7.02 -8.79 2.29
CA SER A 182 7.46 -10.00 1.58
C SER A 182 7.37 -9.84 0.07
N VAL A 183 6.30 -9.20 -0.43
CA VAL A 183 6.18 -8.90 -1.88
C VAL A 183 7.32 -7.98 -2.31
N PHE A 184 7.63 -6.95 -1.53
CA PHE A 184 8.81 -6.11 -1.80
C PHE A 184 10.07 -6.96 -1.97
N HIS A 185 10.35 -7.85 -1.00
CA HIS A 185 11.57 -8.67 -1.10
C HIS A 185 11.59 -9.50 -2.38
N TYR A 186 10.46 -10.10 -2.74
CA TYR A 186 10.42 -11.00 -3.90
C TYR A 186 10.49 -10.22 -5.21
N GLU A 187 9.70 -9.16 -5.33
CA GLU A 187 9.47 -8.55 -6.65
C GLU A 187 10.37 -7.36 -6.90
N ILE A 188 10.87 -6.68 -5.86
CA ILE A 188 11.63 -5.46 -6.01
C ILE A 188 13.10 -5.68 -5.65
N ALA A 189 13.34 -6.31 -4.49
CA ALA A 189 14.69 -6.37 -3.92
C ALA A 189 15.45 -7.60 -4.39
N ASN A 190 14.89 -8.44 -5.24
CA ASN A 190 15.57 -9.66 -5.73
C ASN A 190 16.04 -10.54 -4.59
N SER A 191 15.18 -10.67 -3.56
CA SER A 191 15.48 -11.45 -2.36
C SER A 191 14.39 -12.48 -2.14
N PRO A 192 14.22 -13.45 -3.05
CA PRO A 192 13.11 -14.42 -2.87
C PRO A 192 13.24 -15.23 -1.60
N GLU A 193 14.45 -15.60 -1.20
CA GLU A 193 14.57 -16.36 0.06
C GLU A 193 14.09 -15.56 1.26
N GLU A 194 14.42 -14.27 1.32
CA GLU A 194 13.94 -13.41 2.41
C GLU A 194 12.42 -13.29 2.38
N ALA A 195 11.86 -13.16 1.18
CA ALA A 195 10.40 -13.11 1.01
C ALA A 195 9.73 -14.36 1.56
N ILE A 196 10.24 -15.56 1.19
CA ILE A 196 9.66 -16.81 1.64
C ILE A 196 9.82 -16.96 3.16
N SER A 197 11.01 -16.65 3.68
N SER A 197 11.00 -16.64 3.69
CA SER A 197 11.23 -16.76 5.12
CA SER A 197 11.21 -16.76 5.13
C SER A 197 10.25 -15.86 5.89
C SER A 197 10.29 -15.83 5.93
N LEU A 198 10.12 -14.59 5.46
CA LEU A 198 9.21 -13.68 6.15
C LEU A 198 7.77 -14.18 6.08
N ALA A 199 7.32 -14.64 4.91
CA ALA A 199 5.93 -15.08 4.82
C ALA A 199 5.69 -16.31 5.70
N LYS A 200 6.64 -17.26 5.72
CA LYS A 200 6.48 -18.49 6.49
C LYS A 200 6.50 -18.20 8.01
N THR A 201 7.46 -17.42 8.49
CA THR A 201 7.51 -17.10 9.92
C THR A 201 6.28 -16.31 10.35
N THR A 202 5.82 -15.38 9.51
CA THR A 202 4.62 -14.62 9.85
C THR A 202 3.41 -15.54 9.97
N PHE A 203 3.23 -16.42 8.96
CA PHE A 203 2.12 -17.37 8.96
C PHE A 203 2.13 -18.23 10.22
N ASP A 204 3.28 -18.80 10.56
CA ASP A 204 3.38 -19.76 11.67
C ASP A 204 3.16 -19.08 13.01
N GLU A 205 3.67 -17.87 13.18
CA GLU A 205 3.49 -17.16 14.44
C GLU A 205 2.03 -16.74 14.60
N ALA A 206 1.37 -16.37 13.50
CA ALA A 206 -0.06 -16.05 13.58
C ALA A 206 -0.89 -17.29 13.91
N MET A 207 -0.60 -18.40 13.25
CA MET A 207 -1.29 -19.66 13.55
C MET A 207 -1.31 -19.97 15.03
N ALA A 208 -0.16 -19.82 15.67
CA ALA A 208 -0.02 -20.15 17.09
C ALA A 208 -0.72 -19.19 18.03
N ASP A 209 -1.20 -18.04 17.53
CA ASP A 209 -1.92 -17.06 18.35
C ASP A 209 -3.42 -17.03 18.04
N LEU A 210 -3.90 -17.81 17.05
CA LEU A 210 -5.32 -17.77 16.69
C LEU A 210 -6.24 -18.15 17.87
N HIS A 211 -5.75 -19.02 18.77
CA HIS A 211 -6.58 -19.50 19.89
C HIS A 211 -7.02 -18.37 20.80
N THR A 212 -6.37 -17.19 20.74
CA THR A 212 -6.71 -16.09 21.62
C THR A 212 -7.84 -15.24 21.08
N LEU A 213 -8.30 -15.45 19.87
CA LEU A 213 -9.15 -14.51 19.15
C LEU A 213 -10.62 -14.87 19.19
N SER A 214 -11.47 -13.84 19.13
CA SER A 214 -12.90 -13.99 18.89
C SER A 214 -13.16 -14.42 17.45
N GLU A 215 -14.42 -14.79 17.18
CA GLU A 215 -14.78 -15.24 15.84
C GLU A 215 -14.49 -14.17 14.79
N ASP A 216 -14.80 -12.91 15.09
CA ASP A 216 -14.61 -11.89 14.07
C ASP A 216 -13.13 -11.58 13.83
N SER A 217 -12.32 -11.55 14.91
CA SER A 217 -10.88 -11.34 14.75
C SER A 217 -10.22 -12.53 14.05
N TYR A 218 -10.64 -13.75 14.41
CA TYR A 218 -10.18 -14.95 13.71
C TYR A 218 -10.40 -14.85 12.23
N LYS A 219 -11.60 -14.41 11.82
CA LYS A 219 -11.87 -14.28 10.39
C LYS A 219 -10.90 -13.33 9.71
N ASP A 220 -10.63 -12.18 10.34
CA ASP A 220 -9.70 -11.21 9.72
C ASP A 220 -8.30 -11.77 9.61
N SER A 221 -7.77 -12.36 10.70
CA SER A 221 -6.41 -12.87 10.68
C SER A 221 -6.26 -14.01 9.70
N THR A 222 -7.24 -14.93 9.66
CA THR A 222 -7.11 -16.07 8.74
C THR A 222 -7.21 -15.64 7.28
N LEU A 223 -7.98 -14.58 6.99
CA LEU A 223 -8.06 -14.10 5.61
C LEU A 223 -6.67 -13.67 5.13
N ILE A 224 -5.92 -12.96 5.95
CA ILE A 224 -4.60 -12.50 5.49
C ILE A 224 -3.62 -13.63 5.51
N MET A 225 -3.76 -14.57 6.46
CA MET A 225 -2.88 -15.74 6.45
C MET A 225 -3.04 -16.51 5.15
N GLN A 226 -4.27 -16.56 4.61
CA GLN A 226 -4.46 -17.24 3.33
C GLN A 226 -3.74 -16.54 2.21
N LEU A 227 -3.70 -15.19 2.24
CA LEU A 227 -2.91 -14.47 1.25
C LEU A 227 -1.42 -14.80 1.36
N LEU A 228 -0.89 -14.89 2.60
CA LEU A 228 0.49 -15.30 2.77
C LEU A 228 0.72 -16.69 2.19
N ARG A 229 -0.19 -17.62 2.47
CA ARG A 229 -0.10 -18.99 1.92
C ARG A 229 -0.18 -18.98 0.41
N ASP A 230 -1.06 -18.17 -0.18
CA ASP A 230 -1.17 -18.13 -1.64
C ASP A 230 0.15 -17.72 -2.27
N ASN A 231 0.83 -16.74 -1.65
CA ASN A 231 2.13 -16.35 -2.19
C ASN A 231 3.16 -17.45 -2.00
N LEU A 232 3.18 -18.09 -0.84
CA LEU A 232 4.15 -19.16 -0.64
C LEU A 232 3.94 -20.27 -1.66
N THR A 233 2.70 -20.57 -1.99
CA THR A 233 2.42 -21.61 -3.00
C THR A 233 2.92 -21.19 -4.38
N LEU A 234 2.76 -19.91 -4.72
CA LEU A 234 3.29 -19.40 -5.99
C LEU A 234 4.83 -19.41 -6.01
N TRP A 235 5.49 -19.17 -4.89
CA TRP A 235 6.93 -18.98 -4.86
C TRP A 235 7.72 -20.26 -4.60
N THR A 236 7.05 -21.35 -4.24
CA THR A 236 7.75 -22.58 -3.83
C THR A 236 7.23 -23.83 -4.54
N ALA B 5 2.25 -12.61 -7.33
CA ALA B 5 2.11 -12.45 -5.88
C ALA B 5 1.25 -11.26 -5.50
N GLY B 6 0.34 -11.51 -4.55
CA GLY B 6 -0.60 -10.52 -4.13
C GLY B 6 -0.20 -9.76 -2.88
N SEP B 7 -0.44 -8.46 -2.92
CA SEP B 7 -0.34 -7.60 -1.77
CB SEP B 7 0.26 -6.25 -2.20
OG SEP B 7 -0.62 -5.72 -3.23
C SEP B 7 -1.72 -7.44 -1.10
O SEP B 7 -2.75 -7.97 -1.63
P SEP B 7 -0.06 -4.46 -4.05
O1P SEP B 7 -1.28 -4.14 -4.96
O2P SEP B 7 1.17 -4.87 -4.83
O3P SEP B 7 0.23 -3.31 -3.04
N ILE B 8 -1.81 -6.70 -0.01
CA ILE B 8 -3.07 -6.59 0.73
C ILE B 8 -4.11 -5.81 -0.10
N PRO B 9 -5.37 -6.24 -0.11
CA PRO B 9 -6.41 -5.44 -0.81
C PRO B 9 -6.87 -4.28 0.06
N GLY B 10 -7.55 -3.33 -0.58
CA GLY B 10 -8.08 -2.18 0.16
C GLY B 10 -9.22 -2.53 1.12
N ARG B 11 -10.06 -3.49 0.71
CA ARG B 11 -11.20 -3.97 1.50
C ARG B 11 -11.12 -5.49 1.61
N ARG B 12 -11.81 -6.03 2.63
CA ARG B 12 -11.78 -7.47 2.92
C ARG B 12 -12.22 -8.33 1.72
N SER B 13 -13.09 -7.81 0.87
CA SER B 13 -13.50 -8.54 -0.33
C SER B 13 -12.42 -8.58 -1.40
C02 UVQ C . -8.16 -8.36 5.30
C03 UVQ C . -8.49 -8.32 6.69
C04 UVQ C . -8.71 -7.08 7.32
C05 UVQ C . -8.61 -5.89 6.53
C09 UVQ C . -6.21 -3.71 7.54
C10 UVQ C . -6.01 -2.45 6.98
C11 UVQ C . -4.83 -2.16 6.36
C12 UVQ C . -3.84 -3.15 6.30
C13 UVQ C . -4.05 -4.42 6.85
C14 UVQ C . -5.24 -4.71 7.51
C15 UVQ C . -2.57 -2.75 5.57
C18 UVQ C . -9.35 -3.49 6.32
C19 UVQ C . -9.30 -3.72 4.84
C20 UVQ C . -8.19 -4.62 4.35
C21 UVQ C . -8.27 -5.96 5.17
C22 UVQ C . -8.07 -7.20 4.52
F01 UVQ C . -7.95 -9.55 4.70
N06 UVQ C . -8.83 -4.55 7.12
O08 UVQ C . -8.33 -2.75 8.91
O17 UVQ C . -7.66 -5.02 9.36
S07 UVQ C . -7.80 -4.01 8.32
CL CL D . -0.90 11.94 17.82
CL CL E . -19.57 17.42 -4.34
MG MG F . -14.96 23.02 9.96
C1 PEG G . -12.56 -3.19 5.00
O1 PEG G . -12.40 -2.08 5.86
C2 PEG G . -13.93 -3.73 5.04
O2 PEG G . -14.03 -4.76 4.15
C3 PEG G . -15.11 -4.64 3.20
C4 PEG G . -15.00 -5.71 2.16
O4 PEG G . -16.11 -5.76 1.30
#